data_3P0R
#
_entry.id   3P0R
#
_cell.length_a   70.391
_cell.length_b   101.262
_cell.length_c   63.134
_cell.angle_alpha   90.00
_cell.angle_beta   90.00
_cell.angle_gamma   90.00
#
_symmetry.space_group_name_H-M   'C 2 2 21'
#
loop_
_entity.id
_entity.type
_entity.pdbx_description
1 polymer Azoreductase
2 non-polymer 'SULFATE ION'
3 non-polymer GLYCEROL
4 non-polymer DI(HYDROXYETHYL)ETHER
5 non-polymer 'CHLORIDE ION'
6 water water
#
_entity_poly.entity_id   1
_entity_poly.type   'polypeptide(L)'
_entity_poly.pdbx_seq_one_letter_code
;SNA(MSE)TKVLFVKANNRPAEQAVSVKLYEAFLASYKEAHPNDTVVELDLYKEELPYVGVD(MSE)INGTFKAGKGFDL
TEEEAKAVAVADKYLNQFLEADKVVFGFPLWNLTIPAVLHTYIDYLNRAGKTFKYTPEGPVGLIGDKKIALLNARGGVYS
EGPAAEVE(MSE)AVKYVAS(MSE)(MSE)GFFGATN(MSE)ETVVIEGHNQFPDKAEEIITAGLEEAAKVANKF
;
_entity_poly.pdbx_strand_id   A
#
loop_
_chem_comp.id
_chem_comp.type
_chem_comp.name
_chem_comp.formula
CL non-polymer 'CHLORIDE ION' 'Cl -1'
GOL non-polymer GLYCEROL 'C3 H8 O3'
PEG non-polymer DI(HYDROXYETHYL)ETHER 'C4 H10 O3'
SO4 non-polymer 'SULFATE ION' 'O4 S -2'
#
# COMPACT_ATOMS: atom_id res chain seq x y z
N MSE A 4 -15.58 9.71 -13.48
CA MSE A 4 -15.86 9.15 -12.12
C MSE A 4 -14.56 9.11 -11.36
O MSE A 4 -13.51 8.89 -11.97
CB MSE A 4 -16.45 7.72 -12.19
CG MSE A 4 -17.90 7.63 -12.76
SE MSE A 4 -19.26 8.51 -11.64
CE MSE A 4 -19.33 10.26 -12.57
N THR A 5 -14.60 9.32 -10.05
CA THR A 5 -13.43 9.15 -9.21
C THR A 5 -12.96 7.71 -9.25
N LYS A 6 -11.64 7.53 -9.25
CA LYS A 6 -11.00 6.23 -9.41
C LYS A 6 -10.28 5.90 -8.12
N VAL A 7 -10.64 4.76 -7.55
CA VAL A 7 -10.14 4.32 -6.26
C VAL A 7 -9.54 2.94 -6.44
N LEU A 8 -8.29 2.82 -6.04
CA LEU A 8 -7.63 1.54 -6.13
C LEU A 8 -7.35 0.99 -4.74
N PHE A 9 -7.77 -0.25 -4.53
CA PHE A 9 -7.56 -0.97 -3.31
C PHE A 9 -6.47 -2.00 -3.61
N VAL A 10 -5.40 -1.93 -2.84
CA VAL A 10 -4.24 -2.87 -3.01
C VAL A 10 -4.28 -3.82 -1.82
N LYS A 11 -4.53 -5.09 -2.09
CA LYS A 11 -4.71 -6.07 -1.03
C LYS A 11 -3.51 -6.97 -0.98
N ALA A 12 -2.94 -7.12 0.20
CA ALA A 12 -1.72 -7.91 0.36
C ALA A 12 -1.87 -8.96 1.50
N ASN A 13 -2.83 -9.87 1.35
CA ASN A 13 -3.04 -10.98 2.27
C ASN A 13 -4.12 -11.89 1.71
N ASN A 14 -3.74 -13.13 1.36
CA ASN A 14 -4.65 -14.07 0.78
C ASN A 14 -5.16 -15.09 1.78
N ARG A 15 -4.93 -14.80 3.07
CA ARG A 15 -5.53 -15.61 4.12
C ARG A 15 -7.00 -15.29 4.22
N PRO A 16 -7.76 -16.24 4.75
CA PRO A 16 -9.19 -15.93 4.84
C PRO A 16 -9.52 -14.88 5.93
N ALA A 17 -10.55 -14.07 5.67
CA ALA A 17 -10.99 -13.05 6.62
C ALA A 17 -11.27 -13.59 7.99
N GLU A 18 -11.74 -14.83 8.02
CA GLU A 18 -12.14 -15.48 9.26
C GLU A 18 -10.93 -15.59 10.20
N GLN A 19 -9.76 -15.77 9.61
CA GLN A 19 -8.53 -15.89 10.36
C GLN A 19 -7.61 -14.69 10.35
N ALA A 20 -7.79 -13.75 9.44
CA ALA A 20 -6.89 -12.60 9.31
C ALA A 20 -7.61 -11.30 9.59
N VAL A 21 -7.32 -10.68 10.73
CA VAL A 21 -7.95 -9.41 11.06
C VAL A 21 -7.61 -8.34 10.00
N SER A 22 -6.43 -8.48 9.39
CA SER A 22 -6.04 -7.48 8.38
C SER A 22 -6.95 -7.55 7.15
N VAL A 23 -7.41 -8.74 6.83
CA VAL A 23 -8.37 -8.94 5.74
C VAL A 23 -9.76 -8.47 6.14
N LYS A 24 -10.18 -8.81 7.35
CA LYS A 24 -11.44 -8.27 7.85
C LYS A 24 -11.47 -6.74 7.81
N LEU A 25 -10.34 -6.14 8.18
CA LEU A 25 -10.20 -4.70 8.15
C LEU A 25 -10.35 -4.17 6.74
N TYR A 26 -9.58 -4.74 5.83
CA TYR A 26 -9.66 -4.35 4.42
C TYR A 26 -11.12 -4.46 3.89
N GLU A 27 -11.80 -5.57 4.19
CA GLU A 27 -13.12 -5.83 3.65
C GLU A 27 -14.12 -4.80 4.24
N ALA A 28 -13.96 -4.46 5.51
CA ALA A 28 -14.92 -3.54 6.11
C ALA A 28 -14.71 -2.14 5.53
N PHE A 29 -13.45 -1.77 5.29
CA PHE A 29 -13.18 -0.41 4.75
C PHE A 29 -13.72 -0.30 3.33
N LEU A 30 -13.49 -1.36 2.57
CA LEU A 30 -13.99 -1.50 1.20
C LEU A 30 -15.50 -1.39 1.13
N ALA A 31 -16.19 -2.17 1.95
CA ALA A 31 -17.64 -2.14 2.03
C ALA A 31 -18.19 -0.74 2.44
N SER A 32 -17.54 -0.13 3.42
CA SER A 32 -17.99 1.15 3.90
C SER A 32 -17.77 2.20 2.79
N TYR A 33 -16.60 2.14 2.14
CA TYR A 33 -16.28 3.09 1.07
C TYR A 33 -17.32 3.00 -0.04
N LYS A 34 -17.67 1.80 -0.43
CA LYS A 34 -18.63 1.61 -1.53
C LYS A 34 -20.01 2.12 -1.16
N GLU A 35 -20.42 1.93 0.11
CA GLU A 35 -21.71 2.39 0.57
C GLU A 35 -21.80 3.92 0.56
N ALA A 36 -20.74 4.54 1.02
CA ALA A 36 -20.63 6.00 1.05
C ALA A 36 -20.51 6.62 -0.36
N HIS A 37 -19.79 5.95 -1.26
CA HIS A 37 -19.49 6.51 -2.58
C HIS A 37 -19.79 5.50 -3.71
N PRO A 38 -21.06 5.10 -3.89
CA PRO A 38 -21.39 4.02 -4.85
C PRO A 38 -21.11 4.28 -6.35
N ASN A 39 -20.94 5.55 -6.70
CA ASN A 39 -20.66 5.98 -8.07
C ASN A 39 -19.15 5.97 -8.40
N ASP A 40 -18.31 5.90 -7.36
CA ASP A 40 -16.87 5.85 -7.58
C ASP A 40 -16.49 4.51 -8.22
N THR A 41 -15.49 4.54 -9.09
CA THR A 41 -15.04 3.31 -9.72
C THR A 41 -14.00 2.72 -8.83
N VAL A 42 -14.36 1.65 -8.12
CA VAL A 42 -13.43 0.96 -7.22
C VAL A 42 -12.88 -0.28 -7.90
N VAL A 43 -11.56 -0.38 -7.95
CA VAL A 43 -10.87 -1.58 -8.47
C VAL A 43 -10.03 -2.16 -7.36
N GLU A 44 -10.08 -3.50 -7.24
CA GLU A 44 -9.23 -4.23 -6.33
C GLU A 44 -8.05 -4.85 -7.06
N LEU A 45 -6.85 -4.68 -6.51
CA LEU A 45 -5.65 -5.31 -7.03
C LEU A 45 -5.19 -6.28 -5.98
N ASP A 46 -5.34 -7.58 -6.21
CA ASP A 46 -4.95 -8.55 -5.21
C ASP A 46 -3.57 -9.01 -5.54
N LEU A 47 -2.60 -8.63 -4.73
CA LEU A 47 -1.21 -8.85 -5.14
C LEU A 47 -0.88 -10.34 -5.22
N TYR A 48 -1.64 -11.17 -4.49
CA TYR A 48 -1.43 -12.62 -4.55
C TYR A 48 -1.98 -13.27 -5.80
N LYS A 49 -2.72 -12.55 -6.62
CA LYS A 49 -3.10 -13.03 -7.95
C LYS A 49 -2.21 -12.54 -9.09
N GLU A 50 -1.25 -11.69 -8.79
CA GLU A 50 -0.39 -11.05 -9.77
C GLU A 50 0.94 -11.74 -9.85
N GLU A 51 1.59 -11.56 -11.00
CA GLU A 51 2.95 -11.98 -11.18
C GLU A 51 3.79 -10.78 -10.85
N LEU A 52 4.59 -10.93 -9.78
CA LEU A 52 5.42 -9.83 -9.27
C LEU A 52 6.90 -10.22 -9.29
N PRO A 53 7.51 -10.18 -10.49
CA PRO A 53 8.94 -10.48 -10.55
C PRO A 53 9.71 -9.51 -9.65
N TYR A 54 10.72 -10.03 -8.97
CA TYR A 54 11.54 -9.20 -8.11
C TYR A 54 12.39 -8.18 -8.91
N VAL A 55 12.58 -7.05 -8.28
CA VAL A 55 13.49 -6.02 -8.77
C VAL A 55 14.96 -6.40 -8.57
N GLY A 56 15.63 -6.45 -9.71
CA GLY A 56 17.06 -6.70 -9.76
C GLY A 56 17.64 -5.89 -10.91
N VAL A 57 18.82 -6.30 -11.37
CA VAL A 57 19.59 -5.51 -12.33
C VAL A 57 18.78 -5.26 -13.63
N ASP A 58 18.00 -6.23 -14.09
CA ASP A 58 17.29 -6.04 -15.37
C ASP A 58 16.26 -4.89 -15.23
N MSE A 59 15.58 -4.86 -14.10
CA MSE A 59 14.57 -3.85 -13.83
C MSE A 59 15.19 -2.49 -13.50
O MSE A 59 14.56 -1.45 -13.68
CB MSE A 59 13.65 -4.29 -12.69
CG MSE A 59 12.82 -3.17 -12.10
SE MSE A 59 11.11 -2.92 -13.00
CE MSE A 59 10.07 -4.29 -12.07
N ILE A 60 16.42 -2.49 -13.00
CA ILE A 60 17.07 -1.26 -12.62
C ILE A 60 17.69 -0.63 -13.87
N ASN A 61 18.50 -1.41 -14.60
CA ASN A 61 19.06 -0.98 -15.89
C ASN A 61 17.99 -0.64 -16.89
N GLY A 62 16.97 -1.51 -16.93
CA GLY A 62 15.85 -1.40 -17.84
C GLY A 62 15.15 -0.05 -17.71
N THR A 63 14.82 0.31 -16.46
CA THR A 63 14.05 1.54 -16.19
C THR A 63 14.95 2.75 -16.51
N PHE A 64 16.24 2.63 -16.21
CA PHE A 64 17.20 3.68 -16.53
C PHE A 64 17.24 3.93 -18.04
N LYS A 65 17.46 2.85 -18.78
CA LYS A 65 17.50 2.92 -20.24
C LYS A 65 16.19 3.40 -20.84
N ALA A 66 15.09 2.91 -20.30
CA ALA A 66 13.77 3.24 -20.83
C ALA A 66 13.54 4.73 -20.77
N GLY A 67 13.86 5.30 -19.61
CA GLY A 67 13.77 6.73 -19.30
C GLY A 67 14.54 7.60 -20.27
N LYS A 68 15.67 7.06 -20.76
CA LYS A 68 16.53 7.77 -21.71
C LYS A 68 16.14 7.52 -23.17
N GLY A 69 15.26 6.55 -23.40
CA GLY A 69 14.90 6.12 -24.75
C GLY A 69 15.90 5.24 -25.44
N PHE A 70 16.72 4.55 -24.66
CA PHE A 70 17.76 3.70 -25.20
C PHE A 70 17.25 2.26 -25.39
N ASP A 71 18.05 1.49 -26.14
CA ASP A 71 17.74 0.10 -26.48
C ASP A 71 17.87 -0.75 -25.25
N LEU A 72 17.08 -1.82 -25.21
CA LEU A 72 16.96 -2.65 -24.03
C LEU A 72 17.05 -4.11 -24.47
N THR A 73 17.43 -4.99 -23.54
CA THR A 73 17.40 -6.41 -23.81
C THR A 73 15.96 -6.79 -23.68
N GLU A 74 15.61 -7.98 -24.13
CA GLU A 74 14.22 -8.39 -24.03
C GLU A 74 13.79 -8.50 -22.56
N GLU A 75 14.69 -9.01 -21.72
CA GLU A 75 14.45 -9.20 -20.29
C GLU A 75 14.27 -7.85 -19.55
N GLU A 76 15.04 -6.86 -19.98
CA GLU A 76 14.97 -5.50 -19.46
C GLU A 76 13.62 -4.90 -19.83
N ALA A 77 13.21 -5.07 -21.08
CA ALA A 77 11.94 -4.56 -21.60
C ALA A 77 10.79 -5.18 -20.87
N LYS A 78 10.86 -6.49 -20.66
CA LYS A 78 9.79 -7.16 -19.92
C LYS A 78 9.69 -6.69 -18.48
N ALA A 79 10.81 -6.50 -17.83
CA ALA A 79 10.81 -5.96 -16.46
C ALA A 79 10.17 -4.56 -16.37
N VAL A 80 10.55 -3.65 -17.28
CA VAL A 80 9.97 -2.30 -17.34
C VAL A 80 8.47 -2.32 -17.57
N ALA A 81 8.03 -3.25 -18.41
CA ALA A 81 6.63 -3.35 -18.77
C ALA A 81 5.78 -3.81 -17.56
N VAL A 82 6.28 -4.77 -16.79
CA VAL A 82 5.63 -5.18 -15.55
C VAL A 82 5.48 -3.96 -14.62
N ALA A 83 6.60 -3.31 -14.27
CA ALA A 83 6.62 -2.12 -13.39
C ALA A 83 5.66 -1.02 -13.92
N ASP A 84 5.72 -0.75 -15.23
CA ASP A 84 4.90 0.26 -15.84
C ASP A 84 3.41 -0.01 -15.67
N LYS A 85 2.99 -1.27 -15.82
CA LYS A 85 1.57 -1.65 -15.65
C LYS A 85 1.03 -1.19 -14.28
N TYR A 86 1.74 -1.56 -13.23
CA TYR A 86 1.31 -1.22 -11.87
C TYR A 86 1.45 0.29 -11.62
N LEU A 87 2.58 0.84 -12.02
CA LEU A 87 2.84 2.28 -11.82
C LEU A 87 1.76 3.12 -12.48
N ASN A 88 1.38 2.79 -13.71
CA ASN A 88 0.39 3.56 -14.41
C ASN A 88 -0.98 3.51 -13.74
N GLN A 89 -1.34 2.33 -13.24
CA GLN A 89 -2.61 2.13 -12.55
C GLN A 89 -2.63 2.96 -11.27
N PHE A 90 -1.50 2.95 -10.55
CA PHE A 90 -1.33 3.72 -9.33
C PHE A 90 -1.42 5.22 -9.57
N LEU A 91 -0.72 5.70 -10.59
CA LEU A 91 -0.77 7.11 -10.98
C LEU A 91 -2.16 7.56 -11.43
N GLU A 92 -2.88 6.69 -12.11
CA GLU A 92 -4.20 7.04 -12.61
C GLU A 92 -5.27 7.11 -11.53
N ALA A 93 -5.03 6.41 -10.42
CA ALA A 93 -5.96 6.41 -9.29
C ALA A 93 -5.94 7.77 -8.57
N ASP A 94 -7.14 8.30 -8.31
CA ASP A 94 -7.31 9.46 -7.44
C ASP A 94 -7.04 9.14 -5.99
N LYS A 95 -7.43 7.92 -5.57
CA LYS A 95 -7.27 7.50 -4.19
C LYS A 95 -6.73 6.09 -4.22
N VAL A 96 -5.89 5.73 -3.25
CA VAL A 96 -5.35 4.35 -3.13
C VAL A 96 -5.42 3.89 -1.69
N VAL A 97 -5.91 2.68 -1.48
CA VAL A 97 -6.04 2.11 -0.15
C VAL A 97 -5.17 0.84 -0.08
N PHE A 98 -4.22 0.78 0.83
CA PHE A 98 -3.38 -0.37 1.10
C PHE A 98 -3.85 -1.14 2.30
N GLY A 99 -4.04 -2.44 2.13
CA GLY A 99 -4.50 -3.27 3.22
C GLY A 99 -3.42 -4.30 3.43
N PHE A 100 -2.82 -4.33 4.61
CA PHE A 100 -1.77 -5.31 4.83
C PHE A 100 -1.61 -5.69 6.28
N PRO A 101 -1.14 -6.93 6.53
CA PRO A 101 -0.72 -7.31 7.88
C PRO A 101 0.70 -6.84 8.20
N LEU A 102 1.06 -7.04 9.45
CA LEU A 102 2.45 -7.01 9.90
C LEU A 102 2.87 -8.48 10.09
N TRP A 103 3.82 -8.91 9.24
CA TRP A 103 4.40 -10.24 9.34
C TRP A 103 5.90 -10.09 9.43
N ASN A 104 6.52 -10.70 10.42
CA ASN A 104 7.98 -10.62 10.55
C ASN A 104 8.40 -9.12 10.53
N LEU A 105 7.70 -8.31 11.35
CA LEU A 105 8.00 -6.88 11.58
C LEU A 105 7.68 -5.93 10.43
N THR A 106 7.20 -6.45 9.30
CA THR A 106 7.05 -5.62 8.13
C THR A 106 5.88 -6.06 7.27
N ILE A 107 5.80 -5.47 6.10
CA ILE A 107 4.74 -5.75 5.15
C ILE A 107 5.07 -7.09 4.46
N PRO A 108 4.04 -7.77 3.89
CA PRO A 108 4.33 -8.90 3.00
C PRO A 108 5.26 -8.54 1.84
N ALA A 109 6.19 -9.42 1.56
CA ALA A 109 7.14 -9.19 0.48
C ALA A 109 6.47 -8.87 -0.87
N VAL A 110 5.28 -9.39 -1.14
CA VAL A 110 4.52 -8.98 -2.35
C VAL A 110 4.26 -7.48 -2.42
N LEU A 111 3.93 -6.89 -1.27
CA LEU A 111 3.72 -5.44 -1.23
C LEU A 111 5.05 -4.69 -1.28
N HIS A 112 6.10 -5.28 -0.75
CA HIS A 112 7.41 -4.69 -0.85
C HIS A 112 7.81 -4.53 -2.35
N THR A 113 7.63 -5.61 -3.12
CA THR A 113 7.91 -5.58 -4.59
C THR A 113 7.01 -4.59 -5.31
N TYR A 114 5.74 -4.56 -4.98
CA TYR A 114 4.81 -3.57 -5.55
C TYR A 114 5.31 -2.13 -5.35
N ILE A 115 5.75 -1.83 -4.13
CA ILE A 115 6.22 -0.49 -3.80
C ILE A 115 7.50 -0.20 -4.54
N ASP A 116 8.37 -1.20 -4.64
CA ASP A 116 9.59 -1.07 -5.45
C ASP A 116 9.24 -0.61 -6.87
N TYR A 117 8.19 -1.18 -7.46
CA TYR A 117 7.76 -0.78 -8.79
C TYR A 117 7.36 0.69 -8.87
N LEU A 118 6.77 1.23 -7.78
CA LEU A 118 6.25 2.60 -7.82
C LEU A 118 7.33 3.66 -7.77
N ASN A 119 8.54 3.31 -7.30
CA ASN A 119 9.65 4.28 -7.28
C ASN A 119 10.28 4.53 -8.64
N ARG A 120 9.93 5.65 -9.27
CA ARG A 120 10.31 5.92 -10.65
C ARG A 120 10.50 7.40 -10.84
N ALA A 121 11.74 7.77 -11.13
CA ALA A 121 12.08 9.15 -11.46
C ALA A 121 11.23 9.65 -12.62
N GLY A 122 10.67 10.83 -12.45
CA GLY A 122 9.84 11.47 -13.45
C GLY A 122 8.37 11.10 -13.30
N LYS A 123 8.07 10.15 -12.41
CA LYS A 123 6.71 9.62 -12.26
C LYS A 123 6.17 9.80 -10.85
N THR A 124 6.85 9.24 -9.88
CA THR A 124 6.44 9.42 -8.49
C THR A 124 7.32 10.46 -7.73
N PHE A 125 8.47 10.81 -8.31
CA PHE A 125 9.29 11.92 -7.79
C PHE A 125 10.14 12.43 -8.94
N LYS A 126 10.76 13.57 -8.72
CA LYS A 126 11.72 14.11 -9.65
C LYS A 126 12.97 14.61 -8.91
N TYR A 127 14.12 14.45 -9.55
CA TYR A 127 15.35 15.02 -9.05
C TYR A 127 15.35 16.52 -9.35
N THR A 128 15.88 17.29 -8.41
CA THR A 128 16.12 18.69 -8.65
C THR A 128 17.49 19.01 -8.13
N PRO A 129 18.01 20.19 -8.49
CA PRO A 129 19.34 20.51 -7.96
C PRO A 129 19.37 20.66 -6.42
N GLU A 130 18.21 20.72 -5.75
CA GLU A 130 18.18 20.86 -4.29
C GLU A 130 17.58 19.65 -3.60
N GLY A 131 17.46 18.57 -4.35
CA GLY A 131 16.95 17.30 -3.82
C GLY A 131 15.64 16.86 -4.47
N PRO A 132 15.24 15.60 -4.22
CA PRO A 132 14.02 15.03 -4.77
C PRO A 132 12.76 15.78 -4.32
N VAL A 133 11.78 15.86 -5.21
CA VAL A 133 10.46 16.43 -4.96
C VAL A 133 9.43 15.36 -5.32
N GLY A 134 8.60 14.96 -4.36
CA GLY A 134 7.53 13.97 -4.63
C GLY A 134 6.47 14.50 -5.59
N LEU A 135 5.95 13.64 -6.48
CA LEU A 135 4.99 14.08 -7.49
C LEU A 135 3.54 13.65 -7.27
N ILE A 136 3.25 12.93 -6.19
CA ILE A 136 1.87 12.49 -5.91
C ILE A 136 1.12 13.28 -4.83
N GLY A 137 1.47 14.55 -4.64
CA GLY A 137 0.78 15.45 -3.71
C GLY A 137 -0.73 15.46 -3.78
N ASP A 138 -1.30 15.26 -4.96
CA ASP A 138 -2.76 15.31 -5.10
C ASP A 138 -3.45 13.98 -4.75
N LYS A 139 -2.70 12.90 -4.59
CA LYS A 139 -3.29 11.57 -4.42
C LYS A 139 -3.58 11.28 -2.95
N LYS A 140 -4.78 10.79 -2.64
CA LYS A 140 -5.15 10.48 -1.25
C LYS A 140 -4.80 9.06 -1.00
N ILE A 141 -4.16 8.78 0.12
CA ILE A 141 -3.74 7.44 0.46
C ILE A 141 -4.31 7.05 1.81
N ALA A 142 -4.77 5.81 1.93
CA ALA A 142 -5.16 5.21 3.21
C ALA A 142 -4.32 3.96 3.42
N LEU A 143 -3.85 3.80 4.65
CA LEU A 143 -3.10 2.61 5.07
C LEU A 143 -3.92 1.85 6.11
N LEU A 144 -4.18 0.58 5.87
CA LEU A 144 -4.97 -0.23 6.78
C LEU A 144 -4.11 -1.38 7.27
N ASN A 145 -3.82 -1.42 8.55
CA ASN A 145 -2.95 -2.51 9.08
C ASN A 145 -3.56 -3.14 10.29
N ALA A 146 -3.47 -4.46 10.38
CA ALA A 146 -3.76 -5.15 11.65
C ALA A 146 -2.51 -5.95 12.04
N ARG A 147 -2.29 -6.02 13.34
CA ARG A 147 -1.14 -6.71 13.89
C ARG A 147 -1.49 -7.24 15.24
N GLY A 148 -1.08 -8.47 15.49
CA GLY A 148 -1.58 -9.14 16.69
C GLY A 148 -1.03 -8.56 17.98
N GLY A 149 0.20 -8.08 17.93
CA GLY A 149 0.86 -7.45 19.10
C GLY A 149 0.74 -5.93 19.04
N VAL A 150 1.15 -5.27 20.11
CA VAL A 150 1.11 -3.82 20.15
C VAL A 150 2.49 -3.31 19.73
N TYR A 151 2.48 -2.35 18.82
CA TYR A 151 3.71 -1.74 18.34
C TYR A 151 3.75 -0.22 18.53
N SER A 152 2.72 0.36 19.17
CA SER A 152 2.73 1.81 19.36
C SER A 152 3.43 2.17 20.65
N GLU A 153 3.68 1.18 21.51
CA GLU A 153 4.35 1.35 22.79
C GLU A 153 4.94 0.00 23.20
N GLY A 154 5.75 -0.02 24.24
CA GLY A 154 6.36 -1.26 24.72
C GLY A 154 7.60 -1.73 23.97
N PRO A 155 8.06 -2.94 24.28
CA PRO A 155 9.32 -3.43 23.71
C PRO A 155 9.36 -3.55 22.17
N ALA A 156 8.19 -3.66 21.51
CA ALA A 156 8.17 -3.79 20.05
C ALA A 156 8.08 -2.44 19.32
N ALA A 157 7.99 -1.34 20.05
CA ALA A 157 7.67 -0.06 19.44
C ALA A 157 8.77 0.36 18.47
N GLU A 158 10.04 0.02 18.77
CA GLU A 158 11.14 0.48 17.88
C GLU A 158 11.32 -0.39 16.64
N VAL A 159 10.62 -1.53 16.55
CA VAL A 159 10.78 -2.41 15.39
C VAL A 159 9.52 -2.54 14.49
N GLU A 160 8.62 -1.57 14.56
CA GLU A 160 7.47 -1.54 13.64
C GLU A 160 7.99 -1.09 12.30
N MSE A 161 7.98 -1.99 11.31
CA MSE A 161 8.48 -1.66 9.98
C MSE A 161 7.50 -1.99 8.86
O MSE A 161 7.90 -2.28 7.70
CB MSE A 161 9.85 -2.33 9.77
CG MSE A 161 10.92 -1.67 10.63
SE MSE A 161 12.68 -2.49 10.51
CE MSE A 161 12.48 -3.87 11.89
N ALA A 162 6.21 -2.01 9.19
CA ALA A 162 5.19 -2.30 8.22
C ALA A 162 4.47 -0.98 7.81
N VAL A 163 3.67 -0.42 8.70
CA VAL A 163 3.09 0.93 8.51
C VAL A 163 4.16 1.96 8.25
N LYS A 164 5.16 1.96 9.12
CA LYS A 164 6.30 2.89 8.97
C LYS A 164 6.96 2.80 7.57
N TYR A 165 7.08 1.58 7.05
CA TYR A 165 7.66 1.40 5.73
C TYR A 165 6.79 2.07 4.66
N VAL A 166 5.54 1.70 4.66
CA VAL A 166 4.63 2.19 3.61
C VAL A 166 4.47 3.71 3.70
N ALA A 167 4.29 4.21 4.92
CA ALA A 167 4.15 5.65 5.18
C ALA A 167 5.37 6.42 4.70
N SER A 168 6.55 5.87 4.95
CA SER A 168 7.78 6.53 4.58
C SER A 168 7.96 6.67 3.08
N MSE A 169 7.68 5.60 2.35
CA MSE A 169 7.78 5.63 0.88
C MSE A 169 6.70 6.52 0.27
O MSE A 169 6.98 7.31 -0.64
CB MSE A 169 7.74 4.19 0.35
CG MSE A 169 9.01 3.37 0.65
SE MSE A 169 10.60 4.19 0.00
CE MSE A 169 10.09 4.35 -1.88
N MSE A 170 5.46 6.41 0.76
CA MSE A 170 4.39 7.30 0.29
C MSE A 170 4.75 8.76 0.57
O MSE A 170 4.55 9.61 -0.27
CB MSE A 170 3.03 6.96 0.91
CG MSE A 170 2.50 5.60 0.46
SE MSE A 170 2.19 5.46 -1.48
CE MSE A 170 3.23 3.93 -1.82
N GLY A 171 5.31 9.05 1.73
CA GLY A 171 5.77 10.41 2.02
C GLY A 171 6.87 10.90 1.09
N PHE A 172 7.82 10.02 0.79
CA PHE A 172 8.84 10.32 -0.20
C PHE A 172 8.23 10.67 -1.55
N PHE A 173 7.16 9.97 -1.94
CA PHE A 173 6.47 10.25 -3.22
C PHE A 173 5.66 11.54 -3.18
N GLY A 174 5.60 12.17 -2.00
CA GLY A 174 4.90 13.43 -1.82
C GLY A 174 3.48 13.36 -1.32
N ALA A 175 3.07 12.18 -0.86
CA ALA A 175 1.72 12.06 -0.27
C ALA A 175 1.62 12.81 1.06
N THR A 176 0.49 13.49 1.27
CA THR A 176 0.23 14.22 2.49
C THR A 176 -1.15 13.89 3.06
N ASN A 177 -1.35 14.17 4.34
CA ASN A 177 -2.68 13.95 4.95
C ASN A 177 -3.22 12.54 4.68
N MSE A 178 -2.35 11.56 4.83
CA MSE A 178 -2.75 10.18 4.64
C MSE A 178 -3.57 9.77 5.83
O MSE A 178 -3.42 10.30 6.91
CB MSE A 178 -1.50 9.28 4.57
CG MSE A 178 -0.61 9.61 3.47
SE MSE A 178 0.74 8.15 3.33
CE MSE A 178 2.13 8.89 4.42
N GLU A 179 -4.46 8.82 5.63
CA GLU A 179 -5.26 8.25 6.72
C GLU A 179 -4.66 6.91 7.11
N THR A 180 -4.60 6.59 8.39
CA THR A 180 -4.04 5.31 8.81
C THR A 180 -5.07 4.74 9.76
N VAL A 181 -5.42 3.48 9.59
CA VAL A 181 -6.26 2.77 10.55
C VAL A 181 -5.46 1.54 10.97
N VAL A 182 -5.18 1.44 12.26
CA VAL A 182 -4.41 0.31 12.80
C VAL A 182 -5.28 -0.39 13.81
N ILE A 183 -5.38 -1.69 13.65
CA ILE A 183 -5.96 -2.52 14.71
C ILE A 183 -4.83 -3.34 15.31
N GLU A 184 -4.54 -3.20 16.60
CA GLU A 184 -3.39 -3.90 17.18
C GLU A 184 -3.67 -4.42 18.56
N GLY A 185 -3.00 -5.53 18.90
CA GLY A 185 -3.01 -6.04 20.27
C GLY A 185 -3.95 -7.18 20.56
N HIS A 186 -4.80 -7.51 19.59
CA HIS A 186 -5.86 -8.53 19.79
C HIS A 186 -5.34 -9.95 20.05
N ASN A 187 -4.14 -10.29 19.57
CA ASN A 187 -3.54 -11.61 19.88
C ASN A 187 -2.76 -11.56 21.20
N GLN A 188 -2.13 -10.44 21.48
CA GLN A 188 -1.32 -10.27 22.70
C GLN A 188 -2.20 -10.14 23.94
N PHE A 189 -3.35 -9.49 23.79
CA PHE A 189 -4.32 -9.34 24.85
C PHE A 189 -5.63 -10.00 24.44
N PRO A 190 -5.63 -11.35 24.43
CA PRO A 190 -6.79 -12.05 23.88
C PRO A 190 -8.14 -11.71 24.55
N ASP A 191 -8.13 -11.36 25.83
CA ASP A 191 -9.38 -11.07 26.54
C ASP A 191 -9.99 -9.75 26.07
N LYS A 192 -9.21 -8.97 25.31
CA LYS A 192 -9.69 -7.69 24.78
C LYS A 192 -9.81 -7.73 23.24
N ALA A 193 -9.66 -8.90 22.64
CA ALA A 193 -9.62 -9.02 21.20
C ALA A 193 -10.93 -8.49 20.58
N GLU A 194 -12.07 -8.95 21.09
CA GLU A 194 -13.36 -8.52 20.53
C GLU A 194 -13.56 -7.00 20.61
N GLU A 195 -13.20 -6.42 21.75
CA GLU A 195 -13.31 -4.97 21.95
C GLU A 195 -12.37 -4.24 20.98
N ILE A 196 -11.13 -4.72 20.88
CA ILE A 196 -10.12 -4.03 20.04
C ILE A 196 -10.56 -4.01 18.53
N ILE A 197 -10.98 -5.16 18.04
CA ILE A 197 -11.37 -5.31 16.63
C ILE A 197 -12.65 -4.54 16.34
N THR A 198 -13.62 -4.62 17.24
CA THR A 198 -14.86 -3.89 17.05
C THR A 198 -14.62 -2.40 16.91
N ALA A 199 -13.84 -1.86 17.83
CA ALA A 199 -13.46 -0.46 17.79
C ALA A 199 -12.74 -0.12 16.48
N GLY A 200 -11.81 -0.98 16.07
CA GLY A 200 -11.07 -0.78 14.81
C GLY A 200 -11.91 -0.74 13.56
N LEU A 201 -12.87 -1.65 13.49
CA LEU A 201 -13.77 -1.72 12.34
C LEU A 201 -14.71 -0.49 12.29
N GLU A 202 -15.05 0.06 13.47
CA GLU A 202 -15.87 1.28 13.54
C GLU A 202 -15.00 2.45 13.05
N GLU A 203 -13.73 2.47 13.46
CA GLU A 203 -12.83 3.53 13.02
C GLU A 203 -12.69 3.44 11.52
N ALA A 204 -12.56 2.21 11.00
CA ALA A 204 -12.43 1.99 9.57
C ALA A 204 -13.61 2.59 8.78
N ALA A 205 -14.80 2.40 9.30
CA ALA A 205 -15.99 2.92 8.63
C ALA A 205 -16.07 4.46 8.68
N LYS A 206 -15.69 5.04 9.81
CA LYS A 206 -15.62 6.48 9.90
C LYS A 206 -14.65 7.07 8.87
N VAL A 207 -13.45 6.49 8.80
CA VAL A 207 -12.39 7.02 7.92
C VAL A 207 -12.84 6.86 6.48
N ALA A 208 -13.42 5.70 6.19
CA ALA A 208 -13.87 5.38 4.85
C ALA A 208 -14.95 6.38 4.42
N ASN A 209 -15.77 6.81 5.36
CA ASN A 209 -16.81 7.77 4.98
C ASN A 209 -16.34 9.16 4.63
N LYS A 210 -15.17 9.53 5.13
CA LYS A 210 -14.58 10.82 4.84
C LYS A 210 -13.56 10.73 3.72
N PHE A 211 -12.98 9.54 3.51
CA PHE A 211 -11.85 9.37 2.61
C PHE A 211 -12.18 9.82 1.21
S SO4 B . -3.05 -11.74 9.71
O1 SO4 B . -1.73 -11.28 10.19
O2 SO4 B . -3.57 -12.69 10.71
O3 SO4 B . -3.92 -10.54 9.53
O4 SO4 B . -2.86 -12.51 8.52
C1 GOL C . 3.46 -14.76 10.54
O1 GOL C . 4.68 -15.44 10.31
C2 GOL C . 2.34 -15.44 9.78
O2 GOL C . 2.52 -14.99 8.46
C3 GOL C . 0.94 -15.08 10.28
O3 GOL C . 0.31 -16.20 10.88
C1 PEG D . 8.67 -11.76 15.94
O1 PEG D . 9.64 -10.70 15.99
C2 PEG D . 8.50 -12.32 14.52
O2 PEG D . 8.12 -13.70 14.46
C3 PEG D . 6.83 -14.05 14.99
C4 PEG D . 6.57 -15.55 14.85
O4 PEG D . 5.97 -15.86 13.59
CL CL E . 17.06 -9.21 -12.48
#